data_1UXK
#
_entry.id   1UXK
#
_cell.length_a   105.405
_cell.length_b   105.405
_cell.length_c   102.305
_cell.angle_alpha   90.00
_cell.angle_beta   90.00
_cell.angle_gamma   120.00
#
_symmetry.space_group_name_H-M   'P 31 2 1'
#
loop_
_entity.id
_entity.type
_entity.pdbx_description
1 polymer 'MALATE DEHYDROGENASE'
2 non-polymer NICOTINAMIDE-ADENINE-DINUCLEOTIDE
3 non-polymer 'CADMIUM ION'
4 non-polymer 'CHLORIDE ION'
5 non-polymer 'SODIUM ION'
6 water water
#
_entity_poly.entity_id   1
_entity_poly.type   'polypeptide(L)'
_entity_poly.pdbx_seq_one_letter_code
;MRKKISIIGAGFVGSTTAHWLAAKELGDIVLLDIVEGVPQGKALDLYEASPIEGFDVRVTGTNNYADTANSDVIVVTSGA
PRKPGMSREDLIKVNADITRACISQAAPLSPNAVIIMVNNPLDAMTYLAAEVSGFPKERVIGQAGVLDAARYRTFIAMEA
GVSVQDVQAMLMGGHGDEMVPLPRFSTISGIPVSEFIAPDRLAQIVERTRKGGGEIVNLLKTGSAYYAPAAATAQMVEAV
LKDKKRVMPVAAYLTGQYGLNDIYFGVPVILGAGGVEKILELPLNEEEMALLNASAKAVRATLDTLKSL
;
_entity_poly.pdbx_strand_id   A,C
#
loop_
_chem_comp.id
_chem_comp.type
_chem_comp.name
_chem_comp.formula
CD non-polymer 'CADMIUM ION' 'Cd 2'
CL non-polymer 'CHLORIDE ION' 'Cl -1'
NA non-polymer 'SODIUM ION' 'Na 1'
NAD non-polymer NICOTINAMIDE-ADENINE-DINUCLEOTIDE 'C21 H27 N7 O14 P2'
#
# COMPACT_ATOMS: atom_id res chain seq x y z
N MET A 1 4.04 29.36 3.32
CA MET A 1 3.42 29.30 1.98
C MET A 1 3.37 27.86 1.47
N ARG A 2 2.53 27.61 0.47
CA ARG A 2 2.39 26.28 -0.11
C ARG A 2 3.66 25.84 -0.83
N LYS A 3 3.81 24.53 -1.00
CA LYS A 3 4.96 24.01 -1.72
C LYS A 3 4.83 24.45 -3.17
N LYS A 4 5.93 24.42 -3.91
CA LYS A 4 5.93 24.81 -5.31
C LYS A 4 6.61 23.77 -6.16
N ILE A 5 5.93 23.33 -7.21
CA ILE A 5 6.46 22.32 -8.11
C ILE A 5 6.49 22.88 -9.53
N SER A 6 7.65 22.81 -10.17
CA SER A 6 7.78 23.27 -11.54
C SER A 6 7.99 22.07 -12.46
N ILE A 7 7.17 21.98 -13.49
CA ILE A 7 7.25 20.90 -14.46
C ILE A 7 7.75 21.52 -15.78
N ILE A 8 8.95 21.13 -16.18
CA ILE A 8 9.56 21.65 -17.40
C ILE A 8 9.26 20.71 -18.55
N GLY A 9 8.39 21.15 -19.47
CA GLY A 9 7.99 20.32 -20.59
C GLY A 9 6.53 19.98 -20.34
N ALA A 10 5.64 20.71 -21.01
CA ALA A 10 4.21 20.52 -20.84
C ALA A 10 3.57 19.59 -21.87
N GLY A 11 4.24 18.48 -22.15
CA GLY A 11 3.72 17.51 -23.09
C GLY A 11 2.85 16.48 -22.39
N PHE A 12 2.73 15.31 -22.98
CA PHE A 12 1.92 14.24 -22.40
C PHE A 12 2.31 13.87 -20.97
N VAL A 13 3.59 13.58 -20.75
CA VAL A 13 4.03 13.20 -19.42
C VAL A 13 3.98 14.36 -18.42
N GLY A 14 4.39 15.54 -18.86
CA GLY A 14 4.38 16.69 -17.96
C GLY A 14 2.99 17.13 -17.56
N SER A 15 2.09 17.23 -18.53
CA SER A 15 0.73 17.65 -18.22
C SER A 15 0.03 16.61 -17.36
N THR A 16 0.26 15.32 -17.65
CA THR A 16 -0.37 14.26 -16.87
C THR A 16 0.21 14.26 -15.46
N THR A 17 1.47 14.63 -15.32
CA THR A 17 2.09 14.68 -14.00
C THR A 17 1.41 15.80 -13.20
N ALA A 18 1.08 16.89 -13.87
CA ALA A 18 0.40 18.00 -13.20
C ALA A 18 -0.96 17.53 -12.71
N HIS A 19 -1.62 16.72 -13.52
CA HIS A 19 -2.94 16.19 -13.17
C HIS A 19 -2.86 15.35 -11.88
N TRP A 20 -1.96 14.37 -11.85
CA TRP A 20 -1.81 13.53 -10.65
C TRP A 20 -1.46 14.38 -9.42
N LEU A 21 -0.57 15.35 -9.60
CA LEU A 21 -0.16 16.20 -8.48
C LEU A 21 -1.26 17.16 -8.02
N ALA A 22 -2.00 17.72 -8.97
CA ALA A 22 -3.08 18.64 -8.62
C ALA A 22 -4.13 17.94 -7.78
N ALA A 23 -4.49 16.72 -8.17
CA ALA A 23 -5.48 15.94 -7.45
C ALA A 23 -5.05 15.70 -6.00
N LYS A 24 -3.74 15.64 -5.77
CA LYS A 24 -3.21 15.40 -4.44
C LYS A 24 -3.08 16.69 -3.61
N GLU A 25 -3.33 17.83 -4.24
CA GLU A 25 -3.25 19.12 -3.57
C GLU A 25 -1.90 19.24 -2.83
N LEU A 26 -0.84 18.83 -3.51
CA LEU A 26 0.51 18.85 -2.93
C LEU A 26 1.19 20.21 -2.95
N GLY A 27 0.71 21.11 -3.79
CA GLY A 27 1.32 22.43 -3.86
C GLY A 27 1.01 23.10 -5.17
N ASP A 28 1.45 24.34 -5.31
CA ASP A 28 1.21 25.07 -6.54
C ASP A 28 2.07 24.45 -7.63
N ILE A 29 1.55 24.44 -8.85
CA ILE A 29 2.25 23.84 -9.97
C ILE A 29 2.46 24.84 -11.11
N VAL A 30 3.67 24.87 -11.64
CA VAL A 30 3.97 25.74 -12.75
C VAL A 30 4.37 24.86 -13.92
N LEU A 31 3.64 24.96 -15.01
CA LEU A 31 3.92 24.18 -16.22
C LEU A 31 4.65 25.08 -17.20
N LEU A 32 5.90 24.75 -17.50
CA LEU A 32 6.68 25.55 -18.43
C LEU A 32 6.97 24.80 -19.72
N ASP A 33 7.00 25.53 -20.82
CA ASP A 33 7.29 24.94 -22.12
C ASP A 33 7.86 26.00 -23.05
N ILE A 34 8.52 25.58 -24.13
CA ILE A 34 9.07 26.54 -25.08
C ILE A 34 7.98 26.93 -26.09
N VAL A 35 6.97 26.08 -26.22
CA VAL A 35 5.87 26.37 -27.13
C VAL A 35 4.86 27.28 -26.45
N GLU A 36 4.51 28.38 -27.13
CA GLU A 36 3.56 29.34 -26.57
C GLU A 36 2.13 28.83 -26.59
N GLY A 37 1.38 29.17 -25.54
CA GLY A 37 -0.01 28.76 -25.46
C GLY A 37 -0.28 27.40 -24.86
N VAL A 38 0.49 26.40 -25.29
CA VAL A 38 0.32 25.03 -24.82
C VAL A 38 0.32 24.88 -23.29
N PRO A 39 1.38 25.33 -22.61
CA PRO A 39 1.36 25.17 -21.14
C PRO A 39 0.27 26.02 -20.49
N GLN A 40 0.03 27.22 -21.03
CA GLN A 40 -1.01 28.10 -20.49
C GLN A 40 -2.38 27.44 -20.58
N GLY A 41 -2.67 26.84 -21.73
CA GLY A 41 -3.97 26.20 -21.92
C GLY A 41 -4.18 24.98 -21.04
N LYS A 42 -3.18 24.10 -20.98
CA LYS A 42 -3.30 22.90 -20.17
C LYS A 42 -3.41 23.23 -18.69
N ALA A 43 -2.65 24.24 -18.25
CA ALA A 43 -2.69 24.64 -16.86
C ALA A 43 -4.06 25.21 -16.48
N LEU A 44 -4.58 26.09 -17.33
CA LEU A 44 -5.88 26.71 -17.06
C LEU A 44 -6.99 25.67 -17.10
N ASP A 45 -6.88 24.74 -18.05
CA ASP A 45 -7.86 23.67 -18.19
C ASP A 45 -7.88 22.88 -16.87
N LEU A 46 -6.71 22.47 -16.39
CA LEU A 46 -6.64 21.72 -15.15
C LEU A 46 -7.12 22.56 -13.96
N TYR A 47 -6.77 23.84 -13.95
CA TYR A 47 -7.17 24.74 -12.87
C TYR A 47 -8.71 24.81 -12.81
N GLU A 48 -9.35 24.81 -13.99
CA GLU A 48 -10.80 24.88 -14.05
C GLU A 48 -11.49 23.60 -13.60
N ALA A 49 -10.72 22.54 -13.39
CA ALA A 49 -11.27 21.28 -12.91
C ALA A 49 -11.29 21.31 -11.38
N SER A 50 -10.57 22.25 -10.78
CA SER A 50 -10.48 22.31 -9.31
C SER A 50 -11.80 22.46 -8.52
N PRO A 51 -12.75 23.30 -9.00
CA PRO A 51 -13.98 23.39 -8.19
C PRO A 51 -14.73 22.06 -8.20
N ILE A 52 -14.58 21.30 -9.29
CA ILE A 52 -15.24 20.00 -9.42
C ILE A 52 -14.61 18.98 -8.47
N GLU A 53 -13.28 18.92 -8.48
CA GLU A 53 -12.55 17.97 -7.65
C GLU A 53 -12.38 18.38 -6.20
N GLY A 54 -12.38 19.68 -5.95
CA GLY A 54 -12.26 20.16 -4.59
C GLY A 54 -10.86 20.45 -4.08
N PHE A 55 -9.89 20.52 -4.96
CA PHE A 55 -8.53 20.82 -4.52
C PHE A 55 -8.19 22.27 -4.79
N ASP A 56 -7.46 22.88 -3.84
CA ASP A 56 -7.04 24.27 -3.99
C ASP A 56 -5.58 24.23 -4.41
N VAL A 57 -5.37 24.26 -5.71
CA VAL A 57 -4.03 24.20 -6.30
C VAL A 57 -3.92 25.27 -7.37
N ARG A 58 -2.88 26.10 -7.29
CA ARG A 58 -2.68 27.12 -8.30
C ARG A 58 -1.87 26.49 -9.44
N VAL A 59 -2.54 26.21 -10.55
CA VAL A 59 -1.90 25.61 -11.72
C VAL A 59 -1.76 26.69 -12.77
N THR A 60 -0.51 27.06 -13.09
CA THR A 60 -0.24 28.10 -14.06
C THR A 60 0.70 27.60 -15.15
N GLY A 61 0.55 28.15 -16.35
CA GLY A 61 1.39 27.77 -17.46
C GLY A 61 2.29 28.93 -17.81
N THR A 62 3.43 28.66 -18.41
CA THR A 62 4.36 29.75 -18.73
C THR A 62 5.44 29.33 -19.73
N ASN A 63 6.13 30.34 -20.26
CA ASN A 63 7.22 30.13 -21.21
C ASN A 63 8.45 30.82 -20.62
N ASN A 64 8.23 31.49 -19.49
CA ASN A 64 9.28 32.24 -18.80
C ASN A 64 9.83 31.49 -17.59
N TYR A 65 11.12 31.17 -17.61
CA TYR A 65 11.75 30.45 -16.52
C TYR A 65 11.71 31.17 -15.18
N ALA A 66 11.55 32.48 -15.20
CA ALA A 66 11.49 33.26 -13.96
C ALA A 66 10.32 32.83 -13.07
N ASP A 67 9.27 32.30 -13.70
CA ASP A 67 8.10 31.86 -12.96
C ASP A 67 8.32 30.57 -12.17
N THR A 68 9.45 29.92 -12.40
CA THR A 68 9.77 28.66 -11.70
C THR A 68 10.66 28.89 -10.48
N ALA A 69 11.03 30.15 -10.24
CA ALA A 69 11.91 30.49 -9.13
C ALA A 69 11.44 29.97 -7.77
N ASN A 70 12.41 29.54 -6.97
CA ASN A 70 12.15 29.03 -5.62
C ASN A 70 11.23 27.82 -5.56
N SER A 71 11.40 26.89 -6.49
CA SER A 71 10.59 25.68 -6.50
C SER A 71 11.19 24.67 -5.54
N ASP A 72 10.34 23.85 -4.93
CA ASP A 72 10.82 22.83 -4.00
C ASP A 72 11.23 21.60 -4.81
N VAL A 73 10.54 21.39 -5.93
CA VAL A 73 10.82 20.28 -6.81
C VAL A 73 10.73 20.74 -8.25
N ILE A 74 11.63 20.24 -9.07
CA ILE A 74 11.67 20.56 -10.48
C ILE A 74 11.59 19.23 -11.24
N VAL A 75 10.53 19.05 -12.00
CA VAL A 75 10.33 17.83 -12.79
C VAL A 75 10.71 18.20 -14.22
N VAL A 76 11.54 17.38 -14.85
CA VAL A 76 11.96 17.64 -16.23
C VAL A 76 11.41 16.58 -17.18
N THR A 77 10.41 16.99 -17.97
CA THR A 77 9.76 16.12 -18.93
C THR A 77 9.69 16.87 -20.27
N SER A 78 10.84 17.39 -20.69
CA SER A 78 10.95 18.16 -21.93
C SER A 78 11.59 17.40 -23.08
N GLY A 79 12.15 16.23 -22.79
CA GLY A 79 12.80 15.44 -23.82
C GLY A 79 11.92 15.07 -24.99
N ALA A 80 12.57 14.83 -26.13
CA ALA A 80 11.85 14.45 -27.35
C ALA A 80 11.41 13.00 -27.28
N ILE A 92 20.24 11.04 -28.01
CA ILE A 92 21.19 11.52 -27.02
C ILE A 92 21.54 12.98 -27.25
N LYS A 93 22.04 13.30 -28.44
CA LYS A 93 22.42 14.67 -28.78
C LYS A 93 21.24 15.62 -28.60
N VAL A 94 20.10 15.27 -29.20
CA VAL A 94 18.89 16.08 -29.12
C VAL A 94 18.47 16.35 -27.68
N ASN A 95 18.24 15.28 -26.92
CA ASN A 95 17.83 15.41 -25.53
C ASN A 95 18.92 16.00 -24.65
N ALA A 96 20.18 15.81 -25.04
CA ALA A 96 21.29 16.35 -24.27
C ALA A 96 21.24 17.88 -24.30
N ASP A 97 20.97 18.44 -25.47
CA ASP A 97 20.88 19.89 -25.61
C ASP A 97 19.65 20.43 -24.89
N ILE A 98 18.54 19.75 -25.05
CA ILE A 98 17.30 20.15 -24.41
C ILE A 98 17.46 20.12 -22.88
N THR A 99 18.01 19.02 -22.38
CA THR A 99 18.21 18.87 -20.94
C THR A 99 19.16 19.94 -20.41
N ARG A 100 20.27 20.17 -21.11
CA ARG A 100 21.23 21.18 -20.67
C ARG A 100 20.56 22.55 -20.60
N ALA A 101 19.75 22.86 -21.61
CA ALA A 101 19.06 24.15 -21.67
C ALA A 101 18.05 24.34 -20.54
N CYS A 102 17.36 23.27 -20.18
CA CYS A 102 16.34 23.32 -19.11
C CYS A 102 16.97 23.45 -17.74
N ILE A 103 17.97 22.61 -17.46
CA ILE A 103 18.64 22.64 -16.16
C ILE A 103 19.43 23.94 -15.94
N SER A 104 20.13 24.40 -16.96
CA SER A 104 20.94 25.61 -16.83
C SER A 104 20.09 26.84 -16.48
N GLN A 105 18.86 26.87 -16.97
CA GLN A 105 17.97 28.00 -16.70
C GLN A 105 17.12 27.81 -15.45
N ALA A 106 16.80 26.56 -15.12
CA ALA A 106 15.97 26.29 -13.96
C ALA A 106 16.73 26.17 -12.63
N ALA A 107 17.80 25.38 -12.62
CA ALA A 107 18.58 25.14 -11.42
C ALA A 107 18.96 26.41 -10.64
N PRO A 108 19.48 27.44 -11.32
CA PRO A 108 19.88 28.69 -10.66
C PRO A 108 18.76 29.40 -9.90
N LEU A 109 17.54 29.30 -10.41
CA LEU A 109 16.40 29.96 -9.80
C LEU A 109 15.79 29.20 -8.61
N SER A 110 16.12 27.92 -8.48
CA SER A 110 15.61 27.09 -7.38
C SER A 110 16.76 26.28 -6.80
N PRO A 111 17.72 26.95 -6.14
CA PRO A 111 18.89 26.32 -5.53
C PRO A 111 18.63 25.26 -4.46
N ASN A 112 17.45 25.29 -3.84
CA ASN A 112 17.13 24.32 -2.80
C ASN A 112 16.20 23.21 -3.29
N ALA A 113 15.94 23.17 -4.59
CA ALA A 113 15.04 22.17 -5.14
C ALA A 113 15.64 20.79 -5.37
N VAL A 114 14.77 19.80 -5.44
CA VAL A 114 15.17 18.44 -5.75
C VAL A 114 14.77 18.31 -7.21
N ILE A 115 15.71 17.91 -8.06
CA ILE A 115 15.42 17.76 -9.48
C ILE A 115 15.07 16.31 -9.80
N ILE A 116 13.95 16.10 -10.49
CA ILE A 116 13.54 14.76 -10.86
C ILE A 116 13.48 14.69 -12.37
N MET A 117 14.45 14.00 -12.94
CA MET A 117 14.56 13.82 -14.38
C MET A 117 13.66 12.72 -14.92
N VAL A 118 13.10 12.93 -16.10
CA VAL A 118 12.25 11.93 -16.74
C VAL A 118 12.72 11.71 -18.18
N ASN A 119 13.32 12.74 -18.78
CA ASN A 119 13.82 12.67 -20.15
C ASN A 119 14.70 11.45 -20.39
N ASN A 120 14.59 10.85 -21.58
CA ASN A 120 15.42 9.71 -21.95
C ASN A 120 16.56 10.15 -22.87
N PRO A 121 17.69 9.43 -22.86
CA PRO A 121 18.00 8.25 -22.05
C PRO A 121 18.11 8.69 -20.59
N LEU A 122 17.16 8.22 -19.78
CA LEU A 122 17.07 8.59 -18.37
C LEU A 122 18.34 8.66 -17.54
N ASP A 123 19.02 7.53 -17.34
CA ASP A 123 20.24 7.53 -16.53
C ASP A 123 21.26 8.57 -16.98
N ALA A 124 21.46 8.66 -18.29
CA ALA A 124 22.43 9.61 -18.84
C ALA A 124 21.96 11.07 -18.68
N MET A 125 20.67 11.33 -18.87
CA MET A 125 20.16 12.68 -18.75
C MET A 125 20.19 13.16 -17.30
N THR A 126 20.00 12.23 -16.36
CA THR A 126 20.03 12.60 -14.95
C THR A 126 21.46 12.98 -14.59
N TYR A 127 22.42 12.26 -15.16
CA TYR A 127 23.83 12.53 -14.91
C TYR A 127 24.15 13.93 -15.43
N LEU A 128 23.64 14.24 -16.61
CA LEU A 128 23.86 15.55 -17.22
C LEU A 128 23.26 16.66 -16.35
N ALA A 129 22.06 16.41 -15.81
CA ALA A 129 21.40 17.38 -14.95
C ALA A 129 22.22 17.64 -13.69
N ALA A 130 22.88 16.61 -13.19
CA ALA A 130 23.70 16.75 -11.99
C ALA A 130 24.90 17.64 -12.32
N GLU A 131 25.50 17.40 -13.49
CA GLU A 131 26.65 18.18 -13.94
C GLU A 131 26.32 19.65 -14.11
N VAL A 132 25.31 19.93 -14.92
CA VAL A 132 24.89 21.29 -15.20
C VAL A 132 24.39 22.06 -13.98
N SER A 133 23.62 21.39 -13.13
CA SER A 133 23.08 22.03 -11.93
C SER A 133 24.11 22.23 -10.83
N GLY A 134 25.03 21.28 -10.69
CA GLY A 134 26.04 21.38 -9.65
C GLY A 134 25.44 21.15 -8.28
N PHE A 135 24.19 20.70 -8.26
CA PHE A 135 23.46 20.42 -7.02
C PHE A 135 24.04 19.20 -6.31
N PRO A 136 23.79 19.05 -5.00
CA PRO A 136 24.31 17.89 -4.30
C PRO A 136 23.73 16.68 -5.05
N LYS A 137 24.51 15.62 -5.21
CA LYS A 137 24.04 14.45 -5.94
C LYS A 137 22.72 13.89 -5.44
N GLU A 138 22.55 13.88 -4.12
CA GLU A 138 21.32 13.35 -3.52
C GLU A 138 20.07 14.10 -3.97
N ARG A 139 20.23 15.32 -4.46
CA ARG A 139 19.08 16.11 -4.89
C ARG A 139 18.81 16.11 -6.38
N VAL A 140 19.48 15.22 -7.10
CA VAL A 140 19.27 15.11 -8.54
C VAL A 140 19.06 13.62 -8.80
N ILE A 141 17.81 13.26 -9.09
CA ILE A 141 17.45 11.87 -9.32
C ILE A 141 16.63 11.72 -10.59
N GLY A 142 16.46 10.48 -11.04
CA GLY A 142 15.68 10.22 -12.23
C GLY A 142 14.60 9.19 -12.00
N GLN A 143 13.49 9.33 -12.73
CA GLN A 143 12.38 8.40 -12.62
C GLN A 143 12.47 7.37 -13.74
N ALA A 144 12.44 6.09 -13.38
CA ALA A 144 12.49 5.02 -14.35
C ALA A 144 12.01 3.74 -13.68
N GLY A 145 12.68 3.38 -12.59
CA GLY A 145 12.32 2.17 -11.86
C GLY A 145 10.92 2.11 -11.28
N VAL A 146 10.39 3.23 -10.81
CA VAL A 146 9.04 3.22 -10.23
C VAL A 146 8.01 2.84 -11.31
N LEU A 147 8.22 3.34 -12.53
CA LEU A 147 7.32 3.00 -13.62
C LEU A 147 7.48 1.53 -13.99
N ASP A 148 8.72 1.09 -14.15
CA ASP A 148 8.97 -0.29 -14.52
C ASP A 148 8.46 -1.28 -13.49
N ALA A 149 8.70 -0.98 -12.21
CA ALA A 149 8.25 -1.85 -11.15
C ALA A 149 6.71 -1.85 -11.12
N ALA A 150 6.13 -0.72 -11.52
CA ALA A 150 4.66 -0.59 -11.55
C ALA A 150 4.06 -1.49 -12.62
N ARG A 151 4.71 -1.58 -13.78
CA ARG A 151 4.20 -2.45 -14.84
C ARG A 151 4.32 -3.88 -14.37
N TYR A 152 5.48 -4.22 -13.80
CA TYR A 152 5.72 -5.55 -13.28
C TYR A 152 4.67 -5.91 -12.22
N ARG A 153 4.43 -4.98 -11.28
CA ARG A 153 3.46 -5.21 -10.21
C ARG A 153 2.05 -5.37 -10.77
N THR A 154 1.77 -4.65 -11.85
CA THR A 154 0.46 -4.73 -12.49
C THR A 154 0.28 -6.14 -13.06
N PHE A 155 1.29 -6.61 -13.81
CA PHE A 155 1.24 -7.94 -14.41
C PHE A 155 1.13 -9.04 -13.35
N ILE A 156 1.83 -8.88 -12.24
CA ILE A 156 1.78 -9.86 -11.16
C ILE A 156 0.37 -9.90 -10.56
N ALA A 157 -0.21 -8.73 -10.27
CA ALA A 157 -1.54 -8.65 -9.69
C ALA A 157 -2.56 -9.28 -10.63
N MET A 158 -2.45 -8.96 -11.92
CA MET A 158 -3.36 -9.50 -12.92
C MET A 158 -3.29 -11.02 -12.97
N GLU A 159 -2.07 -11.53 -13.04
CA GLU A 159 -1.85 -12.97 -13.11
C GLU A 159 -2.28 -13.72 -11.86
N ALA A 160 -1.86 -13.21 -10.70
CA ALA A 160 -2.17 -13.84 -9.41
C ALA A 160 -3.62 -13.63 -8.98
N GLY A 161 -4.29 -12.65 -9.58
CA GLY A 161 -5.67 -12.37 -9.23
C GLY A 161 -5.80 -11.76 -7.85
N VAL A 162 -4.87 -10.87 -7.51
CA VAL A 162 -4.89 -10.19 -6.23
C VAL A 162 -4.84 -8.68 -6.42
N SER A 163 -5.10 -7.94 -5.35
CA SER A 163 -5.11 -6.49 -5.37
C SER A 163 -3.73 -5.90 -5.67
N VAL A 164 -3.69 -4.84 -6.48
CA VAL A 164 -2.42 -4.20 -6.80
C VAL A 164 -1.86 -3.54 -5.55
N GLN A 165 -2.71 -3.36 -4.54
CA GLN A 165 -2.28 -2.73 -3.30
C GLN A 165 -1.42 -3.68 -2.47
N ASP A 166 -1.43 -4.97 -2.82
CA ASP A 166 -0.67 -5.96 -2.06
C ASP A 166 0.58 -6.50 -2.73
N VAL A 167 0.95 -5.92 -3.88
CA VAL A 167 2.15 -6.37 -4.59
C VAL A 167 3.27 -5.35 -4.48
N GLN A 168 4.46 -5.81 -4.06
CA GLN A 168 5.64 -4.96 -3.94
C GLN A 168 6.73 -5.53 -4.82
N ALA A 169 7.61 -4.67 -5.34
CA ALA A 169 8.68 -5.15 -6.20
C ALA A 169 9.80 -4.16 -6.32
N MET A 170 11.02 -4.67 -6.36
CA MET A 170 12.20 -3.85 -6.53
C MET A 170 12.93 -4.33 -7.77
N LEU A 171 13.51 -3.40 -8.51
CA LEU A 171 14.28 -3.75 -9.71
C LEU A 171 15.33 -2.67 -9.89
N MET A 172 16.28 -2.90 -10.80
CA MET A 172 17.38 -1.95 -10.97
C MET A 172 17.76 -1.67 -12.43
N GLY A 173 18.82 -0.89 -12.60
CA GLY A 173 19.33 -0.59 -13.93
C GLY A 173 18.73 0.59 -14.70
N GLY A 174 18.24 0.30 -15.89
CA GLY A 174 17.63 1.31 -16.74
C GLY A 174 16.44 0.71 -17.49
N HIS A 175 16.12 1.27 -18.66
CA HIS A 175 15.00 0.80 -19.48
C HIS A 175 15.36 -0.43 -20.34
N GLY A 176 14.33 -1.21 -20.69
CA GLY A 176 14.50 -2.37 -21.53
C GLY A 176 15.65 -3.33 -21.25
N ASP A 177 16.58 -3.43 -22.21
CA ASP A 177 17.72 -4.33 -22.03
C ASP A 177 18.60 -3.93 -20.86
N GLU A 178 18.51 -2.67 -20.44
CA GLU A 178 19.31 -2.19 -19.31
C GLU A 178 18.59 -2.46 -18.00
N MET A 179 17.34 -2.90 -18.08
CA MET A 179 16.58 -3.18 -16.87
C MET A 179 17.11 -4.43 -16.17
N VAL A 180 17.21 -4.35 -14.85
CA VAL A 180 17.69 -5.48 -14.07
C VAL A 180 16.52 -5.98 -13.22
N PRO A 181 15.79 -6.99 -13.72
CA PRO A 181 14.65 -7.53 -12.98
C PRO A 181 15.12 -8.32 -11.77
N LEU A 182 14.32 -8.31 -10.71
CA LEU A 182 14.66 -9.03 -9.48
C LEU A 182 13.39 -9.68 -8.91
N PRO A 183 12.88 -10.72 -9.57
CA PRO A 183 11.68 -11.41 -9.09
C PRO A 183 11.80 -11.85 -7.64
N ARG A 184 13.00 -12.28 -7.26
CA ARG A 184 13.27 -12.73 -5.91
C ARG A 184 12.94 -11.62 -4.91
N PHE A 185 13.05 -10.38 -5.36
CA PHE A 185 12.75 -9.23 -4.52
C PHE A 185 11.39 -8.62 -4.80
N SER A 186 10.38 -9.47 -4.93
CA SER A 186 9.01 -9.02 -5.14
C SER A 186 8.14 -9.96 -4.32
N THR A 187 7.13 -9.40 -3.68
CA THR A 187 6.25 -10.19 -2.81
C THR A 187 4.81 -9.69 -2.84
N ILE A 188 3.90 -10.53 -2.35
CA ILE A 188 2.48 -10.20 -2.26
C ILE A 188 2.15 -10.32 -0.77
N SER A 189 1.94 -9.18 -0.11
CA SER A 189 1.66 -9.15 1.32
C SER A 189 2.76 -9.90 2.09
N GLY A 190 3.99 -9.68 1.67
CA GLY A 190 5.14 -10.31 2.31
C GLY A 190 5.51 -11.70 1.81
N ILE A 191 4.65 -12.32 1.01
CA ILE A 191 4.89 -13.66 0.49
C ILE A 191 5.60 -13.60 -0.87
N PRO A 192 6.64 -14.44 -1.07
CA PRO A 192 7.35 -14.41 -2.36
C PRO A 192 6.36 -14.64 -3.52
N VAL A 193 6.55 -13.91 -4.61
CA VAL A 193 5.67 -14.06 -5.77
C VAL A 193 5.76 -15.47 -6.33
N SER A 194 6.89 -16.14 -6.08
CA SER A 194 7.10 -17.51 -6.55
C SER A 194 6.08 -18.48 -5.96
N GLU A 195 5.43 -18.05 -4.89
CA GLU A 195 4.41 -18.87 -4.22
C GLU A 195 3.11 -18.82 -5.04
N PHE A 196 2.95 -17.76 -5.82
CA PHE A 196 1.76 -17.56 -6.64
C PHE A 196 1.94 -17.85 -8.12
N ILE A 197 3.12 -17.52 -8.64
CA ILE A 197 3.40 -17.66 -10.06
C ILE A 197 4.61 -18.54 -10.36
N ALA A 198 4.42 -19.52 -11.25
CA ALA A 198 5.48 -20.43 -11.64
C ALA A 198 6.60 -19.73 -12.43
N PRO A 199 7.81 -20.31 -12.43
CA PRO A 199 9.01 -19.79 -13.10
C PRO A 199 8.84 -19.35 -14.56
N ASP A 200 8.22 -20.19 -15.37
CA ASP A 200 8.06 -19.84 -16.78
C ASP A 200 7.14 -18.65 -16.98
N ARG A 201 6.04 -18.60 -16.23
CA ARG A 201 5.12 -17.48 -16.37
C ARG A 201 5.78 -16.21 -15.83
N LEU A 202 6.53 -16.35 -14.74
CA LEU A 202 7.21 -15.21 -14.16
C LEU A 202 8.24 -14.66 -15.15
N ALA A 203 8.92 -15.56 -15.86
CA ALA A 203 9.90 -15.14 -16.85
C ALA A 203 9.22 -14.36 -17.97
N GLN A 204 8.00 -14.75 -18.32
CA GLN A 204 7.25 -14.04 -19.36
C GLN A 204 6.87 -12.65 -18.86
N ILE A 205 6.50 -12.55 -17.59
CA ILE A 205 6.13 -11.26 -17.01
C ILE A 205 7.35 -10.34 -16.98
N VAL A 206 8.51 -10.90 -16.67
CA VAL A 206 9.75 -10.12 -16.65
C VAL A 206 10.03 -9.56 -18.05
N GLU A 207 9.87 -10.41 -19.07
CA GLU A 207 10.09 -9.96 -20.43
C GLU A 207 9.07 -8.89 -20.83
N ARG A 208 7.81 -9.07 -20.44
CA ARG A 208 6.80 -8.08 -20.78
C ARG A 208 7.14 -6.76 -20.10
N THR A 209 7.77 -6.83 -18.94
CA THR A 209 8.16 -5.63 -18.21
C THR A 209 9.27 -4.92 -18.98
N ARG A 210 10.25 -5.69 -19.45
CA ARG A 210 11.36 -5.11 -20.21
C ARG A 210 10.85 -4.38 -21.45
N LYS A 211 9.82 -4.94 -22.08
CA LYS A 211 9.25 -4.36 -23.29
C LYS A 211 8.03 -3.47 -23.04
N GLY A 212 7.71 -3.26 -21.76
CA GLY A 212 6.55 -2.47 -21.38
C GLY A 212 6.37 -1.12 -22.07
N GLY A 213 7.44 -0.34 -22.18
CA GLY A 213 7.33 0.95 -22.82
C GLY A 213 6.99 0.82 -24.29
N GLY A 214 7.69 -0.09 -24.97
CA GLY A 214 7.44 -0.31 -26.38
C GLY A 214 6.05 -0.84 -26.65
N GLU A 215 5.53 -1.63 -25.72
CA GLU A 215 4.19 -2.18 -25.89
C GLU A 215 3.14 -1.08 -26.02
N ILE A 216 3.28 -0.03 -25.22
CA ILE A 216 2.35 1.09 -25.26
C ILE A 216 2.60 1.88 -26.54
N VAL A 217 3.87 2.04 -26.89
CA VAL A 217 4.24 2.76 -28.11
C VAL A 217 3.61 2.09 -29.32
N ASN A 218 3.75 0.77 -29.43
CA ASN A 218 3.21 0.03 -30.55
C ASN A 218 1.70 0.12 -30.65
N LEU A 219 1.05 0.39 -29.52
CA LEU A 219 -0.40 0.50 -29.49
C LEU A 219 -0.88 1.90 -29.84
N LEU A 220 -0.24 2.91 -29.27
CA LEU A 220 -0.61 4.30 -29.53
C LEU A 220 -0.21 4.75 -30.93
N LYS A 221 0.87 4.18 -31.46
CA LYS A 221 1.36 4.50 -32.80
C LYS A 221 1.99 5.87 -32.97
N THR A 222 1.44 6.88 -32.28
CA THR A 222 1.94 8.24 -32.41
C THR A 222 2.79 8.77 -31.26
N GLY A 223 2.77 8.10 -30.12
CA GLY A 223 3.55 8.56 -28.99
C GLY A 223 3.82 7.46 -27.99
N SER A 224 4.40 7.82 -26.85
CA SER A 224 4.70 6.85 -25.81
C SER A 224 3.77 7.00 -24.60
N ALA A 225 3.95 6.11 -23.63
CA ALA A 225 3.13 6.11 -22.42
C ALA A 225 3.21 7.40 -21.61
N TYR A 226 2.16 7.67 -20.85
CA TYR A 226 2.14 8.86 -20.00
C TYR A 226 1.37 8.76 -18.69
N TYR A 227 0.29 7.98 -18.65
CA TYR A 227 -0.47 7.85 -17.40
C TYR A 227 0.38 7.24 -16.28
N ALA A 228 1.00 6.11 -16.57
CA ALA A 228 1.84 5.44 -15.57
C ALA A 228 3.15 6.19 -15.32
N PRO A 229 3.80 6.67 -16.40
CA PRO A 229 5.05 7.41 -16.21
C PRO A 229 4.84 8.63 -15.32
N ALA A 230 3.74 9.33 -15.56
CA ALA A 230 3.39 10.53 -14.79
C ALA A 230 3.04 10.16 -13.35
N ALA A 231 2.35 9.03 -13.16
CA ALA A 231 2.00 8.60 -11.82
C ALA A 231 3.26 8.29 -11.03
N ALA A 232 4.20 7.63 -11.68
CA ALA A 232 5.46 7.27 -11.04
C ALA A 232 6.19 8.56 -10.62
N THR A 233 6.25 9.51 -11.55
CA THR A 233 6.91 10.77 -11.28
C THR A 233 6.23 11.52 -10.14
N ALA A 234 4.90 11.58 -10.18
CA ALA A 234 4.16 12.27 -9.15
C ALA A 234 4.38 11.63 -7.78
N GLN A 235 4.51 10.31 -7.73
CA GLN A 235 4.72 9.64 -6.45
C GLN A 235 6.10 10.00 -5.89
N MET A 236 7.06 10.20 -6.76
CA MET A 236 8.40 10.60 -6.32
C MET A 236 8.35 12.03 -5.81
N VAL A 237 7.59 12.89 -6.50
CA VAL A 237 7.45 14.28 -6.08
C VAL A 237 6.79 14.30 -4.70
N GLU A 238 5.78 13.46 -4.51
CA GLU A 238 5.08 13.40 -3.23
C GLU A 238 6.02 12.96 -2.11
N ALA A 239 6.88 11.99 -2.42
CA ALA A 239 7.84 11.47 -1.44
C ALA A 239 8.75 12.58 -0.91
N VAL A 240 9.16 13.48 -1.80
CA VAL A 240 10.03 14.59 -1.43
C VAL A 240 9.26 15.65 -0.61
N LEU A 241 8.14 16.10 -1.17
CA LEU A 241 7.35 17.14 -0.50
C LEU A 241 6.84 16.75 0.88
N LYS A 242 6.51 15.48 1.09
CA LYS A 242 5.99 15.03 2.37
C LYS A 242 6.99 14.23 3.19
N ASP A 243 8.22 14.14 2.69
CA ASP A 243 9.28 13.40 3.38
C ASP A 243 8.75 12.03 3.82
N LYS A 244 8.17 11.29 2.88
CA LYS A 244 7.60 9.98 3.20
C LYS A 244 8.62 8.86 3.36
N LYS A 245 9.84 9.09 2.90
CA LYS A 245 10.87 8.06 3.00
C LYS A 245 10.43 6.77 2.29
N ARG A 246 10.04 6.91 1.03
CA ARG A 246 9.61 5.77 0.23
C ARG A 246 10.81 4.93 -0.16
N VAL A 247 10.63 3.61 -0.22
CA VAL A 247 11.70 2.72 -0.66
C VAL A 247 11.31 2.40 -2.09
N MET A 248 12.07 2.94 -3.03
CA MET A 248 11.79 2.75 -4.44
C MET A 248 13.02 2.76 -5.30
N PRO A 249 12.95 2.14 -6.50
CA PRO A 249 14.11 2.13 -7.38
C PRO A 249 14.14 3.50 -8.08
N VAL A 250 15.28 4.16 -8.00
CA VAL A 250 15.45 5.48 -8.60
C VAL A 250 16.84 5.59 -9.20
N ALA A 251 16.98 6.42 -10.22
CA ALA A 251 18.29 6.63 -10.84
C ALA A 251 19.05 7.54 -9.88
N ALA A 252 20.10 7.02 -9.26
CA ALA A 252 20.90 7.78 -8.30
C ALA A 252 22.38 7.70 -8.61
N TYR A 253 23.14 8.65 -8.08
CA TYR A 253 24.59 8.70 -8.31
C TYR A 253 25.29 7.72 -7.37
N LEU A 254 26.03 6.78 -7.94
CA LEU A 254 26.72 5.77 -7.14
C LEU A 254 28.17 6.08 -6.86
N THR A 255 28.60 5.74 -5.65
CA THR A 255 29.97 5.97 -5.21
C THR A 255 30.56 4.69 -4.64
N GLY A 256 30.27 3.56 -5.29
CA GLY A 256 30.79 2.28 -4.82
C GLY A 256 29.74 1.19 -4.69
N GLN A 257 28.48 1.57 -4.52
CA GLN A 257 27.42 0.58 -4.38
C GLN A 257 27.37 -0.35 -5.60
N TYR A 258 27.23 -1.65 -5.34
CA TYR A 258 27.17 -2.64 -6.39
C TYR A 258 28.45 -2.62 -7.24
N GLY A 259 29.52 -2.05 -6.67
CA GLY A 259 30.79 -1.97 -7.38
C GLY A 259 30.83 -0.93 -8.49
N LEU A 260 29.85 -0.04 -8.50
CA LEU A 260 29.78 0.99 -9.53
C LEU A 260 30.13 2.39 -9.02
N ASN A 261 30.93 3.11 -9.79
CA ASN A 261 31.35 4.47 -9.45
C ASN A 261 31.10 5.47 -10.58
N ASP A 262 30.97 6.75 -10.22
CA ASP A 262 30.76 7.82 -11.19
C ASP A 262 29.74 7.43 -12.25
N ILE A 263 28.51 7.20 -11.83
CA ILE A 263 27.47 6.82 -12.77
C ILE A 263 26.11 6.90 -12.11
N TYR A 264 25.08 7.18 -12.92
CA TYR A 264 23.71 7.22 -12.43
C TYR A 264 23.16 5.87 -12.83
N PHE A 265 22.53 5.19 -11.89
CA PHE A 265 22.02 3.85 -12.15
C PHE A 265 20.79 3.61 -11.29
N GLY A 266 19.84 2.82 -11.78
CA GLY A 266 18.64 2.52 -11.01
C GLY A 266 18.97 1.63 -9.83
N VAL A 267 18.76 2.15 -8.63
CA VAL A 267 19.02 1.41 -7.41
C VAL A 267 17.95 1.66 -6.35
N PRO A 268 17.84 0.76 -5.37
CA PRO A 268 16.83 0.97 -4.33
C PRO A 268 17.30 2.09 -3.40
N VAL A 269 16.41 3.03 -3.10
CA VAL A 269 16.77 4.12 -2.21
C VAL A 269 15.61 4.43 -1.29
N ILE A 270 15.90 5.24 -0.28
CA ILE A 270 14.88 5.73 0.63
C ILE A 270 14.80 7.16 0.15
N LEU A 271 13.64 7.54 -0.39
CA LEU A 271 13.43 8.87 -0.95
C LEU A 271 12.63 9.78 -0.02
N GLY A 272 13.22 10.93 0.33
CA GLY A 272 12.55 11.87 1.20
C GLY A 272 12.78 13.33 0.83
N ALA A 273 12.54 14.22 1.79
CA ALA A 273 12.71 15.64 1.58
C ALA A 273 14.13 16.02 1.19
N GLY A 274 15.10 15.20 1.58
CA GLY A 274 16.48 15.50 1.23
C GLY A 274 16.87 14.80 -0.06
N GLY A 275 15.89 14.23 -0.76
CA GLY A 275 16.18 13.52 -1.98
C GLY A 275 16.58 12.11 -1.60
N VAL A 276 17.65 11.60 -2.21
CA VAL A 276 18.12 10.26 -1.87
C VAL A 276 18.69 10.32 -0.46
N GLU A 277 17.95 9.78 0.51
CA GLU A 277 18.41 9.81 1.90
C GLU A 277 19.21 8.57 2.26
N LYS A 278 19.18 7.58 1.39
CA LYS A 278 19.93 6.34 1.58
C LYS A 278 19.86 5.44 0.34
N ILE A 279 21.00 4.88 -0.04
CA ILE A 279 21.04 3.97 -1.17
C ILE A 279 21.16 2.58 -0.53
N LEU A 280 20.16 1.75 -0.76
CA LEU A 280 20.14 0.41 -0.18
C LEU A 280 21.06 -0.52 -0.95
N GLU A 281 21.68 -1.45 -0.21
CA GLU A 281 22.61 -2.41 -0.78
C GLU A 281 22.07 -3.82 -0.69
N LEU A 282 21.46 -4.30 -1.78
CA LEU A 282 20.89 -5.64 -1.82
C LEU A 282 21.98 -6.72 -1.96
N PRO A 283 21.75 -7.87 -1.32
CA PRO A 283 22.70 -9.00 -1.37
C PRO A 283 22.43 -9.81 -2.64
N LEU A 284 22.69 -9.20 -3.79
CA LEU A 284 22.47 -9.85 -5.08
C LEU A 284 23.36 -11.06 -5.27
N ASN A 285 22.79 -12.15 -5.81
CA ASN A 285 23.59 -13.34 -6.06
C ASN A 285 24.38 -13.14 -7.35
N GLU A 286 25.16 -14.14 -7.74
CA GLU A 286 25.98 -14.01 -8.94
C GLU A 286 25.18 -13.86 -10.24
N GLU A 287 24.03 -14.53 -10.32
CA GLU A 287 23.19 -14.43 -11.51
C GLU A 287 22.70 -12.99 -11.66
N GLU A 288 22.18 -12.43 -10.58
CA GLU A 288 21.68 -11.06 -10.59
C GLU A 288 22.79 -10.06 -10.86
N MET A 289 23.97 -10.28 -10.27
CA MET A 289 25.09 -9.38 -10.49
C MET A 289 25.55 -9.41 -11.96
N ALA A 290 25.40 -10.57 -12.60
CA ALA A 290 25.78 -10.68 -14.01
C ALA A 290 24.87 -9.77 -14.83
N LEU A 291 23.59 -9.78 -14.50
CA LEU A 291 22.62 -8.94 -15.20
C LEU A 291 22.98 -7.47 -14.95
N LEU A 292 23.28 -7.14 -13.70
CA LEU A 292 23.63 -5.78 -13.33
C LEU A 292 24.89 -5.28 -14.02
N ASN A 293 25.92 -6.13 -14.07
CA ASN A 293 27.16 -5.75 -14.73
C ASN A 293 26.96 -5.46 -16.21
N ALA A 294 26.18 -6.31 -16.89
CA ALA A 294 25.90 -6.10 -18.31
C ALA A 294 25.14 -4.78 -18.49
N SER A 295 24.19 -4.51 -17.60
CA SER A 295 23.42 -3.28 -17.64
C SER A 295 24.33 -2.08 -17.42
N ALA A 296 25.14 -2.14 -16.37
CA ALA A 296 26.06 -1.06 -16.04
C ALA A 296 26.98 -0.73 -17.21
N LYS A 297 27.36 -1.75 -17.97
CA LYS A 297 28.24 -1.57 -19.11
C LYS A 297 27.50 -0.81 -20.22
N ALA A 298 26.23 -1.15 -20.42
CA ALA A 298 25.41 -0.50 -21.44
C ALA A 298 25.10 0.94 -21.03
N VAL A 299 24.84 1.14 -19.74
CA VAL A 299 24.56 2.47 -19.22
C VAL A 299 25.84 3.31 -19.30
N ARG A 300 26.97 2.63 -19.08
CA ARG A 300 28.27 3.30 -19.15
C ARG A 300 28.55 3.72 -20.58
N ALA A 301 28.18 2.88 -21.54
CA ALA A 301 28.39 3.17 -22.95
C ALA A 301 27.62 4.43 -23.32
N THR A 302 26.35 4.49 -22.92
CA THR A 302 25.53 5.64 -23.22
C THR A 302 26.11 6.90 -22.57
N LEU A 303 26.66 6.72 -21.37
CA LEU A 303 27.25 7.82 -20.62
C LEU A 303 28.49 8.38 -21.35
N ASP A 304 29.34 7.49 -21.83
CA ASP A 304 30.54 7.92 -22.54
C ASP A 304 30.16 8.68 -23.81
N THR A 305 29.21 8.14 -24.55
CA THR A 305 28.75 8.80 -25.78
C THR A 305 28.30 10.22 -25.44
N LEU A 306 27.68 10.36 -24.27
CA LEU A 306 27.20 11.65 -23.80
C LEU A 306 28.38 12.57 -23.44
N LYS A 307 29.23 12.14 -22.62
N ARG B 2 -27.50 1.48 -2.81
CA ARG B 2 -26.13 1.51 -2.24
C ARG B 2 -25.85 0.25 -1.42
N LYS B 3 -24.58 -0.02 -1.17
CA LYS B 3 -24.18 -1.16 -0.37
C LYS B 3 -24.67 -0.86 1.03
N LYS B 4 -24.82 -1.90 1.85
CA LYS B 4 -25.29 -1.72 3.22
C LYS B 4 -24.44 -2.48 4.21
N ILE B 5 -23.94 -1.78 5.23
CA ILE B 5 -23.12 -2.41 6.24
C ILE B 5 -23.75 -2.22 7.61
N SER B 6 -23.93 -3.32 8.34
CA SER B 6 -24.50 -3.24 9.68
C SER B 6 -23.39 -3.55 10.67
N ILE B 7 -23.24 -2.68 11.66
CA ILE B 7 -22.23 -2.84 12.70
C ILE B 7 -22.95 -3.14 14.01
N ILE B 8 -22.83 -4.38 14.48
CA ILE B 8 -23.48 -4.81 15.71
C ILE B 8 -22.58 -4.51 16.90
N GLY B 9 -22.99 -3.57 17.75
CA GLY B 9 -22.20 -3.19 18.88
C GLY B 9 -21.61 -1.83 18.56
N ALA B 10 -22.21 -0.78 19.10
CA ALA B 10 -21.78 0.59 18.86
C ALA B 10 -20.83 1.11 19.92
N GLY B 11 -19.90 0.26 20.35
CA GLY B 11 -18.92 0.68 21.34
C GLY B 11 -17.78 1.38 20.64
N PHE B 12 -16.61 1.38 21.26
CA PHE B 12 -15.43 2.02 20.68
C PHE B 12 -15.05 1.49 19.31
N VAL B 13 -14.89 0.17 19.20
CA VAL B 13 -14.51 -0.41 17.91
C VAL B 13 -15.59 -0.22 16.85
N GLY B 14 -16.83 -0.54 17.20
CA GLY B 14 -17.93 -0.42 16.25
C GLY B 14 -18.13 0.99 15.72
N SER B 15 -18.12 1.98 16.61
CA SER B 15 -18.31 3.36 16.19
C SER B 15 -17.13 3.85 15.36
N THR B 16 -15.92 3.48 15.78
CA THR B 16 -14.74 3.90 15.05
C THR B 16 -14.69 3.25 13.68
N THR B 17 -15.26 2.04 13.58
CA THR B 17 -15.31 1.35 12.30
C THR B 17 -16.26 2.11 11.38
N ALA B 18 -17.36 2.61 11.96
CA ALA B 18 -18.33 3.38 11.18
C ALA B 18 -17.62 4.63 10.65
N HIS B 19 -16.79 5.24 11.48
CA HIS B 19 -16.05 6.44 11.09
C HIS B 19 -15.14 6.13 9.89
N TRP B 20 -14.32 5.09 9.98
CA TRP B 20 -13.44 4.74 8.87
C TRP B 20 -14.24 4.46 7.60
N LEU B 21 -15.30 3.67 7.72
CA LEU B 21 -16.13 3.32 6.56
C LEU B 21 -16.88 4.51 5.96
N ALA B 22 -17.42 5.37 6.82
CA ALA B 22 -18.16 6.54 6.34
C ALA B 22 -17.26 7.42 5.48
N ALA B 23 -16.02 7.60 5.91
CA ALA B 23 -15.06 8.43 5.20
C ALA B 23 -14.74 7.87 3.81
N LYS B 24 -14.89 6.55 3.66
CA LYS B 24 -14.61 5.91 2.39
C LYS B 24 -15.85 5.89 1.48
N GLU B 25 -16.98 6.34 2.01
CA GLU B 25 -18.23 6.41 1.26
C GLU B 25 -18.51 5.07 0.58
N LEU B 26 -18.36 3.99 1.34
CA LEU B 26 -18.56 2.63 0.85
C LEU B 26 -20.00 2.13 0.82
N GLY B 27 -20.88 2.77 1.60
CA GLY B 27 -22.27 2.36 1.61
C GLY B 27 -23.01 2.86 2.83
N ASP B 28 -24.30 2.54 2.91
CA ASP B 28 -25.11 2.97 4.04
C ASP B 28 -24.60 2.19 5.25
N ILE B 29 -24.63 2.82 6.41
CA ILE B 29 -24.16 2.19 7.63
C ILE B 29 -25.21 2.20 8.72
N VAL B 30 -25.47 1.02 9.29
CA VAL B 30 -26.44 0.89 10.38
C VAL B 30 -25.68 0.43 11.62
N LEU B 31 -25.71 1.26 12.66
CA LEU B 31 -25.06 0.94 13.92
C LEU B 31 -26.13 0.44 14.88
N LEU B 32 -25.99 -0.79 15.35
CA LEU B 32 -26.95 -1.36 16.28
C LEU B 32 -26.33 -1.68 17.63
N ASP B 33 -27.12 -1.51 18.68
CA ASP B 33 -26.67 -1.81 20.04
C ASP B 33 -27.91 -2.14 20.85
N ILE B 34 -27.73 -2.73 22.02
CA ILE B 34 -28.87 -3.06 22.87
C ILE B 34 -29.20 -1.87 23.76
N VAL B 35 -28.20 -1.01 23.98
CA VAL B 35 -28.38 0.18 24.80
C VAL B 35 -29.09 1.26 23.99
N GLU B 36 -30.15 1.83 24.54
CA GLU B 36 -30.89 2.87 23.85
C GLU B 36 -30.12 4.18 23.80
N GLY B 37 -30.26 4.91 22.69
CA GLY B 37 -29.59 6.18 22.55
C GLY B 37 -28.14 6.17 22.09
N VAL B 38 -27.36 5.24 22.64
CA VAL B 38 -25.95 5.14 22.28
C VAL B 38 -25.70 5.08 20.77
N PRO B 39 -26.29 4.09 20.08
CA PRO B 39 -26.07 4.01 18.63
C PRO B 39 -26.68 5.17 17.85
N GLN B 40 -27.86 5.62 18.27
CA GLN B 40 -28.53 6.74 17.60
C GLN B 40 -27.71 8.02 17.70
N GLY B 41 -27.09 8.23 18.86
CA GLY B 41 -26.29 9.43 19.07
C GLY B 41 -25.00 9.42 18.29
N LYS B 42 -24.29 8.30 18.32
CA LYS B 42 -23.03 8.19 17.60
C LYS B 42 -23.25 8.27 16.10
N ALA B 43 -24.32 7.64 15.62
CA ALA B 43 -24.64 7.64 14.20
C ALA B 43 -24.97 9.05 13.72
N LEU B 44 -25.81 9.76 14.47
CA LEU B 44 -26.20 11.12 14.10
C LEU B 44 -25.01 12.05 14.10
N ASP B 45 -24.18 11.91 15.13
CA ASP B 45 -22.97 12.72 15.27
C ASP B 45 -22.11 12.56 14.01
N LEU B 46 -21.84 11.31 13.64
CA LEU B 46 -21.03 11.03 12.45
C LEU B 46 -21.73 11.50 11.17
N TYR B 47 -23.05 11.34 11.11
CA TYR B 47 -23.79 11.76 9.93
C TYR B 47 -23.68 13.29 9.77
N GLU B 48 -23.66 14.00 10.89
CA GLU B 48 -23.56 15.46 10.86
C GLU B 48 -22.18 15.95 10.43
N ALA B 49 -21.22 15.03 10.35
CA ALA B 49 -19.87 15.40 9.92
C ALA B 49 -19.77 15.27 8.40
N SER B 50 -20.77 14.65 7.77
CA SER B 50 -20.71 14.43 6.33
C SER B 50 -20.59 15.67 5.44
N PRO B 51 -21.28 16.77 5.77
CA PRO B 51 -21.15 17.96 4.91
C PRO B 51 -19.74 18.54 4.98
N ILE B 52 -19.07 18.33 6.11
CA ILE B 52 -17.72 18.83 6.30
C ILE B 52 -16.73 18.01 5.47
N GLU B 53 -16.85 16.68 5.57
CA GLU B 53 -15.96 15.77 4.87
C GLU B 53 -16.33 15.57 3.40
N GLY B 54 -17.61 15.72 3.09
CA GLY B 54 -18.04 15.58 1.70
C GLY B 54 -18.51 14.20 1.28
N PHE B 55 -18.77 13.31 2.23
CA PHE B 55 -19.25 11.98 1.85
C PHE B 55 -20.75 11.86 2.03
N ASP B 56 -21.39 11.17 1.09
CA ASP B 56 -22.83 10.95 1.16
C ASP B 56 -23.09 9.53 1.61
N VAL B 57 -23.18 9.36 2.92
CA VAL B 57 -23.45 8.04 3.49
C VAL B 57 -24.54 8.18 4.54
N ARG B 58 -25.53 7.30 4.47
CA ARG B 58 -26.59 7.33 5.46
C ARG B 58 -26.08 6.54 6.65
N VAL B 59 -25.88 7.23 7.77
CA VAL B 59 -25.40 6.59 8.99
C VAL B 59 -26.51 6.69 10.03
N THR B 60 -27.07 5.55 10.41
CA THR B 60 -28.16 5.54 11.38
C THR B 60 -27.93 4.57 12.54
N GLY B 61 -28.46 4.94 13.71
CA GLY B 61 -28.33 4.10 14.89
C GLY B 61 -29.67 3.47 15.20
N THR B 62 -29.65 2.26 15.76
CA THR B 62 -30.89 1.56 16.07
C THR B 62 -30.71 0.52 17.16
N ASN B 63 -31.84 0.01 17.66
CA ASN B 63 -31.85 -1.03 18.68
C ASN B 63 -32.67 -2.18 18.11
N ASN B 64 -33.11 -2.01 16.87
CA ASN B 64 -33.94 -3.00 16.18
C ASN B 64 -33.16 -3.74 15.09
N TYR B 65 -33.06 -5.06 15.22
CA TYR B 65 -32.34 -5.88 14.24
C TYR B 65 -32.98 -5.85 12.86
N ALA B 66 -34.25 -5.47 12.81
CA ALA B 66 -34.95 -5.40 11.53
C ALA B 66 -34.32 -4.38 10.60
N ASP B 67 -33.68 -3.37 11.19
CA ASP B 67 -33.04 -2.31 10.39
C ASP B 67 -31.74 -2.76 9.73
N THR B 68 -31.25 -3.94 10.11
CA THR B 68 -30.02 -4.46 9.53
C THR B 68 -30.31 -5.43 8.39
N ALA B 69 -31.59 -5.59 8.07
CA ALA B 69 -32.00 -6.51 7.01
C ALA B 69 -31.34 -6.24 5.66
N ASN B 70 -31.06 -7.33 4.94
CA ASN B 70 -30.45 -7.26 3.62
C ASN B 70 -29.09 -6.56 3.55
N SER B 71 -28.27 -6.74 4.58
CA SER B 71 -26.95 -6.11 4.59
C SER B 71 -25.97 -6.92 3.73
N ASP B 72 -24.99 -6.24 3.16
CA ASP B 72 -23.98 -6.90 2.33
C ASP B 72 -22.88 -7.42 3.24
N VAL B 73 -22.67 -6.71 4.35
CA VAL B 73 -21.66 -7.07 5.33
C VAL B 73 -22.16 -6.80 6.74
N ILE B 74 -21.90 -7.74 7.64
CA ILE B 74 -22.28 -7.60 9.04
C ILE B 74 -21.00 -7.64 9.87
N VAL B 75 -20.72 -6.57 10.60
CA VAL B 75 -19.55 -6.49 11.45
C VAL B 75 -20.04 -6.67 12.87
N VAL B 76 -19.40 -7.56 13.62
CA VAL B 76 -19.80 -7.83 15.00
C VAL B 76 -18.74 -7.35 15.98
N THR B 77 -19.08 -6.31 16.73
CA THR B 77 -18.18 -5.71 17.72
C THR B 77 -18.95 -5.45 19.02
N SER B 78 -19.76 -6.43 19.40
CA SER B 78 -20.59 -6.33 20.59
C SER B 78 -19.99 -6.99 21.83
N GLY B 79 -18.83 -7.62 21.67
CA GLY B 79 -18.19 -8.30 22.79
C GLY B 79 -17.76 -7.43 23.95
N ALA B 80 -17.60 -8.06 25.11
CA ALA B 80 -17.16 -7.35 26.32
C ALA B 80 -15.67 -7.56 26.52
N ARG B 88 -10.14 -18.44 30.29
CA ARG B 88 -10.79 -17.85 31.46
C ARG B 88 -12.21 -18.40 31.64
N GLU B 89 -12.77 -18.91 30.55
CA GLU B 89 -14.12 -19.47 30.54
C GLU B 89 -15.17 -18.41 30.82
N ASP B 90 -14.87 -17.48 31.73
CA ASP B 90 -15.80 -16.40 32.05
C ASP B 90 -15.92 -15.52 30.81
N LEU B 91 -14.79 -15.12 30.26
CA LEU B 91 -14.75 -14.29 29.07
C LEU B 91 -15.46 -14.99 27.92
N ILE B 92 -15.14 -16.26 27.72
CA ILE B 92 -15.71 -17.06 26.65
C ILE B 92 -17.22 -17.21 26.75
N LYS B 93 -17.73 -17.55 27.93
CA LYS B 93 -19.16 -17.72 28.10
C LYS B 93 -19.92 -16.42 27.89
N VAL B 94 -19.43 -15.34 28.49
CA VAL B 94 -20.06 -14.04 28.36
C VAL B 94 -20.15 -13.61 26.89
N ASN B 95 -19.03 -13.72 26.17
CA ASN B 95 -19.01 -13.33 24.76
C ASN B 95 -19.75 -14.34 23.89
N ALA B 96 -19.80 -15.60 24.34
CA ALA B 96 -20.50 -16.62 23.59
C ALA B 96 -21.98 -16.30 23.58
N ASP B 97 -22.51 -15.87 24.73
CA ASP B 97 -23.92 -15.53 24.85
C ASP B 97 -24.27 -14.29 24.03
N ILE B 98 -23.37 -13.31 24.03
CA ILE B 98 -23.60 -12.08 23.28
C ILE B 98 -23.50 -12.37 21.78
N THR B 99 -22.45 -13.08 21.40
CA THR B 99 -22.24 -13.43 20.00
C THR B 99 -23.43 -14.26 19.52
N ARG B 100 -23.83 -15.24 20.31
CA ARG B 100 -24.96 -16.10 19.99
C ARG B 100 -26.19 -15.25 19.68
N ALA B 101 -26.52 -14.36 20.60
CA ALA B 101 -27.69 -13.48 20.47
C ALA B 101 -27.60 -12.59 19.22
N CYS B 102 -26.44 -12.00 18.99
CA CYS B 102 -26.24 -11.13 17.83
C CYS B 102 -26.40 -11.86 16.51
N ILE B 103 -25.71 -12.98 16.35
CA ILE B 103 -25.77 -13.74 15.11
C ILE B 103 -27.14 -14.36 14.83
N SER B 104 -27.74 -14.98 15.84
CA SER B 104 -29.04 -15.61 15.64
C SER B 104 -30.11 -14.63 15.19
N GLN B 105 -29.93 -13.35 15.50
CA GLN B 105 -30.91 -12.33 15.13
C GLN B 105 -30.57 -11.61 13.81
N ALA B 106 -29.28 -11.39 13.58
CA ALA B 106 -28.84 -10.69 12.37
C ALA B 106 -28.70 -11.54 11.12
N ALA B 107 -28.06 -12.70 11.25
CA ALA B 107 -27.85 -13.58 10.10
C ALA B 107 -29.11 -13.89 9.27
N PRO B 108 -30.19 -14.34 9.93
CA PRO B 108 -31.42 -14.64 9.18
C PRO B 108 -31.94 -13.49 8.35
N LEU B 109 -31.66 -12.26 8.78
CA LEU B 109 -32.14 -11.07 8.06
C LEU B 109 -31.25 -10.68 6.87
N SER B 110 -30.01 -11.15 6.87
CA SER B 110 -29.07 -10.85 5.79
C SER B 110 -28.39 -12.15 5.36
N PRO B 111 -29.15 -13.06 4.74
CA PRO B 111 -28.67 -14.36 4.27
C PRO B 111 -27.48 -14.35 3.31
N ASN B 112 -27.35 -13.29 2.52
CA ASN B 112 -26.24 -13.21 1.57
C ASN B 112 -25.05 -12.40 2.03
N ALA B 113 -25.07 -11.96 3.28
CA ALA B 113 -23.99 -11.15 3.81
C ALA B 113 -22.74 -11.92 4.20
N VAL B 114 -21.64 -11.19 4.32
CA VAL B 114 -20.38 -11.75 4.76
C VAL B 114 -20.29 -11.26 6.20
N ILE B 115 -20.08 -12.17 7.14
CA ILE B 115 -19.99 -11.79 8.54
C ILE B 115 -18.53 -11.63 8.93
N ILE B 116 -18.20 -10.48 9.50
CA ILE B 116 -16.84 -10.23 9.95
C ILE B 116 -16.87 -10.06 11.45
N MET B 117 -16.34 -11.06 12.15
CA MET B 117 -16.30 -11.06 13.60
C MET B 117 -15.11 -10.30 14.14
N VAL B 118 -15.30 -9.64 15.28
CA VAL B 118 -14.25 -8.89 15.93
C VAL B 118 -14.17 -9.28 17.41
N ASN B 119 -15.32 -9.62 17.99
CA ASN B 119 -15.41 -10.01 19.41
C ASN B 119 -14.38 -11.06 19.82
N ASN B 120 -13.84 -10.93 21.03
CA ASN B 120 -12.88 -11.89 21.54
C ASN B 120 -13.58 -12.87 22.47
N PRO B 121 -13.07 -14.11 22.58
CA PRO B 121 -11.89 -14.64 21.87
C PRO B 121 -12.20 -14.79 20.38
N LEU B 122 -11.52 -13.98 19.57
CA LEU B 122 -11.73 -13.92 18.12
C LEU B 122 -11.95 -15.24 17.38
N ASP B 123 -10.93 -16.09 17.30
CA ASP B 123 -11.07 -17.35 16.56
C ASP B 123 -12.29 -18.17 17.02
N ALA B 124 -12.48 -18.28 18.33
CA ALA B 124 -13.59 -19.05 18.87
C ALA B 124 -14.94 -18.42 18.57
N MET B 125 -15.03 -17.11 18.68
CA MET B 125 -16.29 -16.41 18.42
C MET B 125 -16.67 -16.47 16.95
N THR B 126 -15.67 -16.51 16.07
CA THR B 126 -15.94 -16.60 14.65
C THR B 126 -16.48 -18.00 14.37
N TYR B 127 -15.94 -18.99 15.07
CA TYR B 127 -16.39 -20.38 14.91
C TYR B 127 -17.86 -20.45 15.34
N LEU B 128 -18.16 -19.84 16.48
CA LEU B 128 -19.53 -19.84 16.99
C LEU B 128 -20.49 -19.16 16.02
N ALA B 129 -20.03 -18.08 15.39
CA ALA B 129 -20.84 -17.33 14.43
C ALA B 129 -21.18 -18.19 13.21
N ALA B 130 -20.23 -19.02 12.78
CA ALA B 130 -20.45 -19.88 11.62
C ALA B 130 -21.47 -20.94 12.02
N GLU B 131 -21.32 -21.43 13.24
CA GLU B 131 -22.18 -22.46 13.81
C GLU B 131 -23.62 -21.95 13.93
N VAL B 132 -23.78 -20.76 14.50
CA VAL B 132 -25.10 -20.17 14.70
C VAL B 132 -25.78 -19.68 13.43
N SER B 133 -25.00 -19.11 12.51
CA SER B 133 -25.54 -18.57 11.26
C SER B 133 -25.89 -19.62 10.22
N GLY B 134 -25.09 -20.69 10.16
CA GLY B 134 -25.33 -21.74 9.18
C GLY B 134 -24.84 -21.30 7.81
N PHE B 135 -24.21 -20.13 7.77
CA PHE B 135 -23.66 -19.56 6.53
C PHE B 135 -22.49 -20.38 5.99
N PRO B 136 -22.26 -20.31 4.67
CA PRO B 136 -21.14 -21.08 4.12
C PRO B 136 -19.91 -20.52 4.86
N LYS B 137 -18.97 -21.40 5.22
CA LYS B 137 -17.78 -20.97 5.96
C LYS B 137 -16.99 -19.81 5.34
N GLU B 138 -16.98 -19.74 4.02
CA GLU B 138 -16.26 -18.67 3.33
C GLU B 138 -16.81 -17.28 3.63
N ARG B 139 -18.08 -17.22 4.03
CA ARG B 139 -18.71 -15.94 4.32
C ARG B 139 -18.78 -15.55 5.80
N VAL B 140 -18.04 -16.28 6.63
CA VAL B 140 -17.98 -15.99 8.06
C VAL B 140 -16.50 -15.98 8.42
N ILE B 141 -15.95 -14.77 8.62
CA ILE B 141 -14.54 -14.62 8.93
C ILE B 141 -14.30 -13.74 10.15
N GLY B 142 -13.06 -13.73 10.63
CA GLY B 142 -12.74 -12.93 11.79
C GLY B 142 -11.56 -12.00 11.54
N GLN B 143 -11.62 -10.82 12.15
CA GLN B 143 -10.53 -9.85 12.03
C GLN B 143 -9.63 -9.99 13.23
N ALA B 144 -8.34 -10.13 12.97
CA ALA B 144 -7.34 -10.25 14.03
C ALA B 144 -5.97 -10.07 13.42
N GLY B 145 -5.68 -10.84 12.38
CA GLY B 145 -4.39 -10.76 11.72
C GLY B 145 -4.06 -9.44 11.04
N VAL B 146 -5.07 -8.77 10.47
CA VAL B 146 -4.81 -7.49 9.82
C VAL B 146 -4.34 -6.47 10.86
N LEU B 147 -4.94 -6.48 12.04
CA LEU B 147 -4.55 -5.58 13.10
C LEU B 147 -3.15 -5.92 13.60
N ASP B 148 -2.92 -7.19 13.91
CA ASP B 148 -1.62 -7.61 14.40
C ASP B 148 -0.51 -7.33 13.39
N ALA B 149 -0.78 -7.56 12.12
CA ALA B 149 0.20 -7.29 11.08
C ALA B 149 0.42 -5.78 11.00
N ALA B 150 -0.64 -5.01 11.24
CA ALA B 150 -0.55 -3.55 11.19
C ALA B 150 0.40 -3.02 12.26
N ARG B 151 0.32 -3.57 13.46
CA ARG B 151 1.21 -3.14 14.54
C ARG B 151 2.64 -3.50 14.16
N TYR B 152 2.85 -4.74 13.74
CA TYR B 152 4.16 -5.21 13.32
C TYR B 152 4.74 -4.31 12.22
N ARG B 153 3.91 -4.00 11.22
CA ARG B 153 4.37 -3.15 10.12
C ARG B 153 4.70 -1.74 10.61
N THR B 154 3.92 -1.25 11.58
CA THR B 154 4.17 0.07 12.13
C THR B 154 5.54 0.09 12.82
N PHE B 155 5.80 -0.92 13.65
CA PHE B 155 7.07 -0.98 14.35
C PHE B 155 8.24 -1.10 13.38
N ILE B 156 8.07 -1.90 12.34
CA ILE B 156 9.11 -2.08 11.33
C ILE B 156 9.40 -0.76 10.61
N ALA B 157 8.34 -0.08 10.18
CA ALA B 157 8.49 1.19 9.48
C ALA B 157 9.22 2.20 10.37
N MET B 158 8.81 2.27 11.63
CA MET B 158 9.42 3.18 12.60
C MET B 158 10.92 2.91 12.69
N GLU B 159 11.26 1.65 12.93
CA GLU B 159 12.65 1.24 13.09
C GLU B 159 13.51 1.36 11.83
N ALA B 160 12.99 0.89 10.69
CA ALA B 160 13.74 0.95 9.44
C ALA B 160 13.81 2.36 8.86
N GLY B 161 12.94 3.25 9.33
CA GLY B 161 12.94 4.61 8.84
C GLY B 161 12.38 4.72 7.43
N VAL B 162 11.29 4.02 7.18
CA VAL B 162 10.67 4.02 5.86
C VAL B 162 9.17 4.24 5.97
N SER B 163 8.54 4.54 4.84
CA SER B 163 7.10 4.78 4.78
C SER B 163 6.32 3.53 5.16
N VAL B 164 5.21 3.70 5.87
CA VAL B 164 4.38 2.57 6.25
C VAL B 164 3.75 1.99 5.00
N GLN B 165 3.72 2.78 3.93
CA GLN B 165 3.14 2.33 2.67
C GLN B 165 3.99 1.30 1.94
N ASP B 166 5.23 1.13 2.38
CA ASP B 166 6.14 0.19 1.73
C ASP B 166 6.46 -1.06 2.54
N VAL B 167 5.74 -1.25 3.64
CA VAL B 167 5.98 -2.43 4.47
C VAL B 167 4.77 -3.36 4.45
N GLN B 168 5.02 -4.63 4.17
N GLN B 168 5.03 -4.63 4.17
CA GLN B 168 3.95 -5.59 4.16
CA GLN B 168 3.98 -5.62 4.13
C GLN B 168 4.41 -6.80 4.98
C GLN B 168 4.42 -6.83 4.94
N ALA B 169 3.46 -7.54 5.53
CA ALA B 169 3.79 -8.70 6.34
C ALA B 169 2.62 -9.65 6.53
N MET B 170 2.96 -10.92 6.72
CA MET B 170 1.95 -11.95 6.92
C MET B 170 2.22 -12.65 8.25
N LEU B 171 1.15 -13.01 8.94
CA LEU B 171 1.26 -13.73 10.20
C LEU B 171 -0.02 -14.54 10.40
N MET B 172 0.02 -15.50 11.32
CA MET B 172 -1.13 -16.38 11.52
C MET B 172 -1.50 -16.62 12.98
N GLY B 173 -2.46 -17.52 13.20
CA GLY B 173 -2.88 -17.88 14.56
C GLY B 173 -3.98 -17.07 15.20
N GLY B 174 -3.65 -16.45 16.33
CA GLY B 174 -4.61 -15.64 17.06
C GLY B 174 -3.91 -14.52 17.80
N HIS B 175 -4.49 -14.06 18.90
CA HIS B 175 -3.90 -12.98 19.68
C HIS B 175 -2.81 -13.46 20.63
N GLY B 176 -1.93 -12.54 21.01
CA GLY B 176 -0.85 -12.83 21.95
C GLY B 176 -0.06 -14.11 21.78
N ASP B 177 -0.14 -14.98 22.78
CA ASP B 177 0.60 -16.25 22.74
C ASP B 177 0.15 -17.14 21.60
N GLU B 178 -1.06 -16.90 21.10
CA GLU B 178 -1.60 -17.70 19.99
C GLU B 178 -1.11 -17.15 18.65
N MET B 179 -0.42 -16.01 18.69
CA MET B 179 0.05 -15.41 17.45
C MET B 179 1.23 -16.18 16.86
N VAL B 180 1.22 -16.35 15.55
CA VAL B 180 2.30 -17.04 14.86
C VAL B 180 2.99 -15.99 14.00
N PRO B 181 4.05 -15.37 14.54
CA PRO B 181 4.79 -14.36 13.79
C PRO B 181 5.59 -15.03 12.68
N LEU B 182 5.75 -14.35 11.56
CA LEU B 182 6.49 -14.89 10.43
C LEU B 182 7.36 -13.82 9.77
N PRO B 183 8.44 -13.37 10.46
CA PRO B 183 9.32 -12.34 9.92
C PRO B 183 9.85 -12.66 8.51
N ARG B 184 10.01 -13.95 8.23
CA ARG B 184 10.49 -14.39 6.92
C ARG B 184 9.52 -13.93 5.84
N PHE B 185 8.26 -13.77 6.22
CA PHE B 185 7.23 -13.34 5.28
C PHE B 185 6.82 -11.87 5.47
N SER B 186 7.82 -11.00 5.58
CA SER B 186 7.58 -9.57 5.71
C SER B 186 8.68 -8.90 4.90
N THR B 187 8.31 -7.87 4.16
CA THR B 187 9.24 -7.16 3.30
C THR B 187 8.96 -5.66 3.19
N ILE B 188 9.97 -4.93 2.74
CA ILE B 188 9.87 -3.50 2.52
C ILE B 188 10.14 -3.37 1.02
N SER B 189 9.10 -3.00 0.27
CA SER B 189 9.21 -2.88 -1.18
C SER B 189 9.86 -4.13 -1.80
N GLY B 190 9.44 -5.30 -1.31
CA GLY B 190 9.93 -6.56 -1.84
C GLY B 190 11.24 -7.07 -1.26
N ILE B 191 11.84 -6.30 -0.36
CA ILE B 191 13.12 -6.67 0.26
C ILE B 191 12.87 -7.21 1.68
N PRO B 192 13.42 -8.39 2.01
CA PRO B 192 13.23 -8.98 3.35
C PRO B 192 13.48 -7.98 4.48
N VAL B 193 12.62 -8.00 5.49
CA VAL B 193 12.75 -7.12 6.64
C VAL B 193 14.07 -7.37 7.37
N SER B 194 14.51 -8.63 7.36
CA SER B 194 15.75 -9.02 8.02
C SER B 194 16.96 -8.28 7.46
N GLU B 195 16.80 -7.69 6.28
CA GLU B 195 17.88 -6.95 5.65
C GLU B 195 17.98 -5.55 6.27
N PHE B 196 16.89 -5.12 6.91
CA PHE B 196 16.85 -3.80 7.54
C PHE B 196 17.00 -3.82 9.05
N ILE B 197 16.54 -4.89 9.68
CA ILE B 197 16.58 -4.97 11.13
C ILE B 197 17.28 -6.22 11.67
N ALA B 198 18.22 -5.99 12.59
CA ALA B 198 19.00 -7.05 13.22
C ALA B 198 18.09 -8.06 13.93
N PRO B 199 18.58 -9.30 14.09
CA PRO B 199 17.83 -10.38 14.76
C PRO B 199 17.28 -10.05 16.14
N ASP B 200 18.12 -9.53 17.04
CA ASP B 200 17.68 -9.19 18.38
C ASP B 200 16.63 -8.08 18.37
N ARG B 201 16.87 -7.06 17.55
CA ARG B 201 15.95 -5.93 17.42
C ARG B 201 14.62 -6.42 16.83
N LEU B 202 14.70 -7.32 15.86
CA LEU B 202 13.50 -7.86 15.22
C LEU B 202 12.71 -8.74 16.20
N ALA B 203 13.43 -9.48 17.05
CA ALA B 203 12.77 -10.35 18.02
C ALA B 203 11.97 -9.49 18.98
N GLN B 204 12.53 -8.34 19.37
CA GLN B 204 11.84 -7.44 20.29
C GLN B 204 10.57 -6.94 19.61
N ILE B 205 10.66 -6.63 18.33
CA ILE B 205 9.50 -6.14 17.58
C ILE B 205 8.43 -7.22 17.54
N VAL B 206 8.82 -8.47 17.37
CA VAL B 206 7.86 -9.57 17.33
C VAL B 206 7.18 -9.66 18.70
N GLU B 207 7.98 -9.52 19.76
CA GLU B 207 7.43 -9.59 21.11
C GLU B 207 6.48 -8.42 21.35
N ARG B 208 6.86 -7.24 20.90
CA ARG B 208 6.00 -6.07 21.09
C ARG B 208 4.69 -6.27 20.35
N THR B 209 4.76 -6.98 19.22
CA THR B 209 3.57 -7.26 18.43
C THR B 209 2.64 -8.20 19.18
N ARG B 210 3.22 -9.26 19.76
CA ARG B 210 2.43 -10.23 20.53
C ARG B 210 1.68 -9.51 21.64
N LYS B 211 2.38 -8.59 22.31
CA LYS B 211 1.79 -7.85 23.42
C LYS B 211 1.19 -6.50 23.02
N GLY B 212 1.09 -6.26 21.71
CA GLY B 212 0.55 -5.00 21.21
C GLY B 212 -0.79 -4.56 21.75
N GLY B 213 -1.72 -5.50 21.87
CA GLY B 213 -3.04 -5.16 22.38
C GLY B 213 -2.97 -4.77 23.85
N GLY B 214 -2.18 -5.53 24.61
CA GLY B 214 -2.04 -5.25 26.03
C GLY B 214 -1.36 -3.92 26.27
N GLU B 215 -0.42 -3.57 25.42
CA GLU B 215 0.30 -2.31 25.55
C GLU B 215 -0.68 -1.14 25.53
N ILE B 216 -1.68 -1.21 24.67
CA ILE B 216 -2.67 -0.14 24.59
C ILE B 216 -3.54 -0.16 25.84
N VAL B 217 -3.98 -1.34 26.24
CA VAL B 217 -4.81 -1.50 27.43
C VAL B 217 -4.15 -0.86 28.65
N ASN B 218 -2.87 -1.15 28.85
CA ASN B 218 -2.14 -0.62 29.98
C ASN B 218 -2.01 0.91 29.97
N LEU B 219 -1.93 1.49 28.78
CA LEU B 219 -1.82 2.95 28.65
C LEU B 219 -3.15 3.66 28.89
N LEU B 220 -4.22 3.13 28.31
CA LEU B 220 -5.54 3.72 28.46
C LEU B 220 -6.12 3.50 29.85
N LYS B 221 -5.63 2.48 30.55
CA LYS B 221 -6.08 2.14 31.89
C LYS B 221 -7.49 1.53 31.82
N THR B 222 -8.38 2.19 31.09
CA THR B 222 -9.75 1.71 30.92
C THR B 222 -9.98 1.46 29.44
N GLY B 223 -10.56 0.31 29.11
CA GLY B 223 -10.82 0.00 27.71
C GLY B 223 -9.59 -0.39 26.91
N SER B 224 -9.83 -0.91 25.71
CA SER B 224 -8.75 -1.33 24.83
C SER B 224 -8.70 -0.53 23.53
N ALA B 225 -7.77 -0.89 22.65
CA ALA B 225 -7.57 -0.22 21.37
C ALA B 225 -8.80 -0.22 20.46
N TYR B 226 -8.90 0.79 19.60
CA TYR B 226 -10.02 0.88 18.68
C TYR B 226 -9.70 1.52 17.33
N TYR B 227 -8.75 2.45 17.28
CA TYR B 227 -8.40 3.07 16.01
C TYR B 227 -7.86 2.05 15.02
N ALA B 228 -6.80 1.34 15.39
CA ALA B 228 -6.21 0.34 14.51
C ALA B 228 -7.17 -0.84 14.29
N PRO B 229 -7.80 -1.35 15.36
CA PRO B 229 -8.73 -2.48 15.21
C PRO B 229 -9.87 -2.15 14.24
N ALA B 230 -10.37 -0.92 14.33
CA ALA B 230 -11.45 -0.49 13.45
C ALA B 230 -10.96 -0.32 12.02
N ALA B 231 -9.74 0.19 11.87
CA ALA B 231 -9.16 0.39 10.53
C ALA B 231 -8.99 -0.97 9.86
N ALA B 232 -8.51 -1.95 10.63
CA ALA B 232 -8.30 -3.30 10.13
C ALA B 232 -9.63 -3.91 9.71
N THR B 233 -10.64 -3.72 10.55
CA THR B 233 -11.97 -4.24 10.27
C THR B 233 -12.54 -3.56 9.03
N ALA B 234 -12.40 -2.24 8.97
CA ALA B 234 -12.90 -1.49 7.83
C ALA B 234 -12.22 -1.89 6.52
N GLN B 235 -10.94 -2.23 6.59
CA GLN B 235 -10.23 -2.62 5.37
C GLN B 235 -10.76 -3.95 4.85
N MET B 236 -11.17 -4.82 5.77
CA MET B 236 -11.71 -6.11 5.36
C MET B 236 -13.10 -5.91 4.75
N VAL B 237 -13.86 -4.96 5.29
CA VAL B 237 -15.19 -4.65 4.76
C VAL B 237 -15.03 -4.14 3.33
N GLU B 238 -14.09 -3.23 3.14
CA GLU B 238 -13.83 -2.66 1.83
C GLU B 238 -13.43 -3.75 0.85
N ALA B 239 -12.63 -4.71 1.32
CA ALA B 239 -12.18 -5.82 0.48
C ALA B 239 -13.36 -6.58 -0.12
N VAL B 240 -14.39 -6.79 0.69
CA VAL B 240 -15.58 -7.51 0.25
C VAL B 240 -16.43 -6.62 -0.66
N LEU B 241 -16.78 -5.44 -0.17
CA LEU B 241 -17.62 -4.51 -0.93
C LEU B 241 -17.08 -4.11 -2.30
N LYS B 242 -15.77 -3.95 -2.41
CA LYS B 242 -15.17 -3.57 -3.69
C LYS B 242 -14.53 -4.74 -4.42
N ASP B 243 -14.68 -5.94 -3.85
CA ASP B 243 -14.15 -7.16 -4.45
C ASP B 243 -12.69 -6.94 -4.85
N LYS B 244 -11.90 -6.38 -3.93
CA LYS B 244 -10.50 -6.06 -4.20
C LYS B 244 -9.51 -7.23 -4.23
N LYS B 245 -9.92 -8.39 -3.74
CA LYS B 245 -9.06 -9.58 -3.71
C LYS B 245 -7.79 -9.30 -2.90
N ARG B 246 -7.99 -8.82 -1.67
CA ARG B 246 -6.85 -8.52 -0.80
C ARG B 246 -6.22 -9.80 -0.26
N VAL B 247 -4.89 -9.78 -0.15
CA VAL B 247 -4.17 -10.91 0.42
C VAL B 247 -3.89 -10.49 1.86
N MET B 248 -4.56 -11.13 2.79
CA MET B 248 -4.41 -10.77 4.19
C MET B 248 -4.65 -11.93 5.14
N PRO B 249 -4.18 -11.78 6.38
CA PRO B 249 -4.36 -12.83 7.39
C PRO B 249 -5.74 -12.61 8.04
N VAL B 250 -6.61 -13.61 7.95
CA VAL B 250 -7.93 -13.51 8.55
C VAL B 250 -8.27 -14.85 9.21
N ALA B 251 -9.20 -14.83 10.15
CA ALA B 251 -9.61 -16.05 10.83
C ALA B 251 -10.56 -16.78 9.88
N ALA B 252 -10.15 -17.95 9.41
CA ALA B 252 -10.97 -18.70 8.46
C ALA B 252 -11.10 -20.16 8.87
N TYR B 253 -12.15 -20.83 8.36
CA TYR B 253 -12.38 -22.23 8.67
C TYR B 253 -11.42 -23.12 7.89
N LEU B 254 -10.66 -23.94 8.61
CA LEU B 254 -9.69 -24.83 7.99
C LEU B 254 -10.15 -26.28 7.90
N THR B 255 -9.83 -26.91 6.78
CA THR B 255 -10.19 -28.31 6.54
C THR B 255 -8.97 -29.10 6.08
N GLY B 256 -7.82 -28.80 6.66
CA GLY B 256 -6.61 -29.51 6.29
C GLY B 256 -5.39 -28.61 6.10
N GLN B 257 -5.62 -27.32 5.85
CA GLN B 257 -4.51 -26.40 5.66
C GLN B 257 -3.66 -26.33 6.93
N TYR B 258 -2.35 -26.44 6.75
CA TYR B 258 -1.41 -26.40 7.87
C TYR B 258 -1.62 -27.54 8.84
N GLY B 259 -2.29 -28.59 8.38
CA GLY B 259 -2.55 -29.75 9.22
C GLY B 259 -3.68 -29.54 10.22
N LEU B 260 -4.44 -28.46 10.07
CA LEU B 260 -5.54 -28.16 10.99
C LEU B 260 -6.91 -28.45 10.37
N ASN B 261 -7.81 -29.02 11.16
CA ASN B 261 -9.15 -29.37 10.70
C ASN B 261 -10.24 -28.96 11.69
N ASP B 262 -11.38 -28.52 11.17
CA ASP B 262 -12.51 -28.11 12.00
C ASP B 262 -12.10 -27.09 13.07
N ILE B 263 -11.64 -25.93 12.61
CA ILE B 263 -11.21 -24.89 13.53
C ILE B 263 -11.02 -23.58 12.78
N TYR B 264 -11.22 -22.46 13.46
CA TYR B 264 -11.01 -21.15 12.87
C TYR B 264 -9.63 -20.74 13.34
N PHE B 265 -8.78 -20.36 12.38
CA PHE B 265 -7.40 -20.00 12.67
C PHE B 265 -6.97 -18.88 11.72
N GLY B 266 -6.11 -17.99 12.20
CA GLY B 266 -5.65 -16.91 11.35
C GLY B 266 -4.73 -17.48 10.27
N VAL B 267 -5.09 -17.27 9.01
CA VAL B 267 -4.32 -17.76 7.87
C VAL B 267 -4.33 -16.78 6.70
N PRO B 268 -3.36 -16.90 5.79
CA PRO B 268 -3.30 -15.99 4.63
C PRO B 268 -4.45 -16.33 3.68
N VAL B 269 -5.22 -15.35 3.26
CA VAL B 269 -6.31 -15.60 2.32
C VAL B 269 -6.44 -14.50 1.27
N ILE B 270 -7.25 -14.79 0.26
CA ILE B 270 -7.56 -13.81 -0.76
C ILE B 270 -9.00 -13.46 -0.41
N LEU B 271 -9.21 -12.22 0.01
CA LEU B 271 -10.53 -11.75 0.43
C LEU B 271 -11.21 -10.91 -0.64
N GLY B 272 -12.40 -11.35 -1.05
CA GLY B 272 -13.15 -10.64 -2.08
C GLY B 272 -14.63 -10.61 -1.80
N ALA B 273 -15.42 -10.34 -2.83
CA ALA B 273 -16.87 -10.28 -2.70
C ALA B 273 -17.47 -11.58 -2.16
N GLY B 274 -16.78 -12.70 -2.40
CA GLY B 274 -17.29 -13.97 -1.92
C GLY B 274 -16.73 -14.36 -0.56
N GLY B 275 -16.13 -13.40 0.13
CA GLY B 275 -15.54 -13.67 1.43
C GLY B 275 -14.20 -14.33 1.17
N VAL B 276 -13.91 -15.41 1.90
CA VAL B 276 -12.65 -16.11 1.69
C VAL B 276 -12.74 -16.80 0.33
N GLU B 277 -11.92 -16.36 -0.62
CA GLU B 277 -11.95 -16.94 -1.94
C GLU B 277 -10.84 -17.94 -2.16
N LYS B 278 -9.90 -17.96 -1.22
CA LYS B 278 -8.78 -18.89 -1.28
C LYS B 278 -7.99 -18.81 0.01
N ILE B 279 -7.62 -19.98 0.53
CA ILE B 279 -6.80 -20.05 1.74
C ILE B 279 -5.42 -20.48 1.28
N LEU B 280 -4.47 -19.57 1.34
CA LEU B 280 -3.11 -19.85 0.91
C LEU B 280 -2.39 -20.81 1.86
N GLU B 281 -1.59 -21.70 1.31
CA GLU B 281 -0.84 -22.65 2.12
C GLU B 281 0.64 -22.42 1.92
N LEU B 282 1.23 -21.64 2.81
CA LEU B 282 2.64 -21.31 2.76
C LEU B 282 3.45 -22.46 3.34
N PRO B 283 4.55 -22.84 2.67
CA PRO B 283 5.35 -23.93 3.21
C PRO B 283 6.19 -23.36 4.36
N LEU B 284 5.83 -23.72 5.58
CA LEU B 284 6.54 -23.24 6.77
C LEU B 284 7.64 -24.20 7.18
N ASN B 285 8.77 -23.65 7.65
CA ASN B 285 9.87 -24.50 8.08
C ASN B 285 9.60 -25.11 9.45
N GLU B 286 10.49 -25.98 9.92
CA GLU B 286 10.34 -26.66 11.19
C GLU B 286 10.08 -25.71 12.37
N GLU B 287 10.88 -24.66 12.46
CA GLU B 287 10.75 -23.69 13.54
C GLU B 287 9.38 -23.01 13.51
N GLU B 288 8.96 -22.58 12.32
CA GLU B 288 7.68 -21.91 12.16
C GLU B 288 6.51 -22.84 12.47
N MET B 289 6.61 -24.10 12.05
CA MET B 289 5.54 -25.06 12.32
C MET B 289 5.46 -25.38 13.81
N ALA B 290 6.58 -25.22 14.51
CA ALA B 290 6.59 -25.48 15.95
C ALA B 290 5.69 -24.42 16.60
N LEU B 291 5.83 -23.18 16.14
CA LEU B 291 5.03 -22.07 16.66
C LEU B 291 3.56 -22.27 16.33
N LEU B 292 3.28 -22.63 15.07
CA LEU B 292 1.90 -22.82 14.65
C LEU B 292 1.20 -23.95 15.40
N ASN B 293 1.89 -25.06 15.61
CA ASN B 293 1.30 -26.20 16.32
C ASN B 293 0.96 -25.84 17.76
N ALA B 294 1.89 -25.18 18.44
CA ALA B 294 1.66 -24.76 19.82
C ALA B 294 0.49 -23.77 19.85
N SER B 295 0.40 -22.93 18.82
CA SER B 295 -0.68 -21.95 18.72
C SER B 295 -2.01 -22.64 18.48
N ALA B 296 -2.02 -23.60 17.56
CA ALA B 296 -3.24 -24.33 17.25
C ALA B 296 -3.77 -25.06 18.48
N LYS B 297 -2.84 -25.54 19.31
CA LYS B 297 -3.23 -26.25 20.53
C LYS B 297 -3.99 -25.31 21.46
N ALA B 298 -3.49 -24.08 21.61
CA ALA B 298 -4.12 -23.09 22.45
C ALA B 298 -5.47 -22.67 21.88
N VAL B 299 -5.53 -22.50 20.57
CA VAL B 299 -6.79 -22.12 19.93
C VAL B 299 -7.79 -23.26 20.07
N ARG B 300 -7.31 -24.49 19.91
CA ARG B 300 -8.15 -25.67 20.03
C ARG B 300 -8.71 -25.76 21.45
N ALA B 301 -7.86 -25.51 22.44
CA ALA B 301 -8.28 -25.56 23.84
C ALA B 301 -9.43 -24.58 24.08
N THR B 302 -9.29 -23.37 23.55
CA THR B 302 -10.32 -22.36 23.70
C THR B 302 -11.61 -22.82 23.03
N LEU B 303 -11.46 -23.43 21.86
CA LEU B 303 -12.60 -23.93 21.10
C LEU B 303 -13.33 -25.02 21.88
N ASP B 304 -12.56 -25.91 22.51
CA ASP B 304 -13.15 -26.99 23.28
C ASP B 304 -13.90 -26.46 24.49
N THR B 305 -13.34 -25.44 25.14
CA THR B 305 -14.00 -24.85 26.30
C THR B 305 -15.34 -24.30 25.84
N LEU B 306 -15.37 -23.75 24.62
CA LEU B 306 -16.59 -23.19 24.05
C LEU B 306 -17.64 -24.26 23.75
N LYS B 307 -17.19 -25.36 23.16
CA LYS B 307 -18.10 -26.45 22.82
C LYS B 307 -18.65 -27.16 24.05
N SER B 308 -17.99 -26.96 25.19
CA SER B 308 -18.42 -27.60 26.44
C SER B 308 -19.45 -26.76 27.18
N LEU B 309 -19.17 -25.57 27.44
PA NAD C . 6.12 15.30 -25.49
O1A NAD C . 6.77 15.47 -26.79
O2A NAD C . 4.60 15.09 -25.40
O5B NAD C . 6.35 16.56 -24.50
C5B NAD C . 7.66 17.20 -24.31
C4B NAD C . 7.35 18.68 -24.15
O4B NAD C . 8.71 19.32 -23.95
C3B NAD C . 6.82 19.42 -25.44
O3B NAD C . 5.53 20.10 -25.07
C2B NAD C . 7.86 20.40 -25.88
O2B NAD C . 7.55 21.53 -26.54
C1B NAD C . 8.62 20.60 -24.54
N9A NAD C . 9.97 21.01 -24.75
C8A NAD C . 10.97 20.73 -25.64
N7A NAD C . 12.11 21.36 -25.48
C5A NAD C . 11.93 22.14 -24.40
C6A NAD C . 12.84 23.09 -23.71
N6A NAD C . 14.08 23.33 -24.08
N1A NAD C . 12.23 23.69 -22.64
C2A NAD C . 10.99 23.54 -22.15
N3A NAD C . 10.08 22.63 -22.79
C4A NAD C . 10.61 21.97 -23.90
O3 NAD C . 6.73 14.11 -24.71
PN NAD C . 6.40 13.13 -23.56
O1N NAD C . 5.61 12.00 -24.07
O2N NAD C . 5.76 13.94 -22.47
O5D NAD C . 7.78 12.46 -23.01
C5D NAD C . 8.71 13.45 -22.43
C4D NAD C . 10.03 12.79 -22.20
O4D NAD C . 9.92 11.70 -21.16
C3D NAD C . 10.70 12.02 -23.39
O3D NAD C . 12.13 12.26 -23.38
C2D NAD C . 10.39 10.52 -23.20
O2D NAD C . 11.21 9.61 -23.87
C1D NAD C . 10.49 10.42 -21.64
N1N NAD C . 9.81 9.30 -20.88
C2N NAD C . 10.42 8.72 -19.77
C3N NAD C . 9.78 7.73 -19.11
C7N NAD C . 10.43 7.09 -17.88
O7N NAD C . 10.01 6.12 -17.25
N7N NAD C . 11.64 7.74 -17.50
C4N NAD C . 8.44 7.22 -19.51
C5N NAD C . 7.91 7.87 -20.66
C6N NAD C . 8.51 8.86 -21.34
CD CD D . 10.20 -24.30 -17.62
CD CD E . 1.39 -22.56 -1.43
CD CD F . -2.74 -16.12 -16.71
CD CD G . 19.41 4.10 -20.32
CD CD H . 11.33 1.90 -18.36
CL CL I . 21.20 5.77 -20.13
NA NA J . -4.87 12.93 -17.32
NA NA K . -3.70 13.64 -22.20
NA NA L . 1.69 22.95 -0.06
CD CD M . -0.35 7.36 -3.13
NA NA N . 17.76 0.68 -25.16
NA NA O . -13.89 7.52 19.99
PA NAD P . -17.22 -1.73 24.06
O1A NAD P . -17.55 -2.26 25.38
O2A NAD P . -16.83 -0.26 23.89
O5B NAD P . -18.43 -1.87 23.00
C5B NAD P . -19.28 -3.07 22.85
C4B NAD P . -20.67 -2.55 22.54
O4B NAD P . -21.51 -3.79 22.38
C3B NAD P . -21.39 -1.81 23.73
O3B NAD P . -21.83 -0.46 23.22
C2B NAD P . -22.55 -2.64 24.17
O2B NAD P . -23.66 -2.10 24.72
C1B NAD P . -22.78 -3.47 22.87
N9A NAD P . -23.41 -4.73 23.15
C8A NAD P . -23.36 -5.66 24.15
N7A NAD P . -24.14 -6.73 24.00
C5A NAD P . -24.76 -6.55 22.83
C6A NAD P . -25.76 -7.40 22.11
N6A NAD P . -26.22 -8.55 22.55
N1A NAD P . -26.14 -6.82 20.92
C2A NAD P . -25.76 -5.66 20.37
N3A NAD P . -24.81 -4.82 21.01
C4A NAD P . -24.35 -5.33 22.25
O3 NAD P . -16.09 -2.54 23.40
PN NAD P . -14.97 -2.44 22.32
O1N NAD P . -13.76 -1.82 22.89
O2N NAD P . -15.58 -1.75 21.15
O5D NAD P . -14.49 -3.93 21.90
C5D NAD P . -15.58 -4.74 21.31
C4D NAD P . -15.12 -6.16 21.23
O4D NAD P . -13.99 -6.29 20.25
C3D NAD P . -14.50 -6.82 22.52
O3D NAD P . -14.91 -8.21 22.61
C2D NAD P . -12.97 -6.69 22.37
O2D NAD P . -12.20 -7.55 23.19
C1D NAD P . -12.83 -6.98 20.86
N1N NAD P . -11.60 -6.56 20.07
C2N NAD P . -11.10 -7.38 19.08
C3N NAD P . -10.00 -6.99 18.40
C7N NAD P . -9.48 -7.92 17.30
O7N NAD P . -10.07 -8.88 16.81
N7N NAD P . -8.17 -7.57 16.86
C4N NAD P . -9.28 -5.71 18.66
C5N NAD P . -9.87 -4.94 19.70
C6N NAD P . -10.98 -5.29 20.41
CD CD Q . -4.32 -9.28 18.24
CD CD R . -7.84 -16.72 20.46
CL CL S . -0.59 -21.14 -1.74
CD CD T . -7.02 1.84 1.86
CD CD U . -7.72 -24.70 -1.39
NA NA V . 11.83 -23.12 -21.90
#